data_7EF0
#
_entry.id   7EF0
#
_cell.length_a   46.405
_cell.length_b   50.032
_cell.length_c   133.677
_cell.angle_alpha   90.000
_cell.angle_beta   90.000
_cell.angle_gamma   90.000
#
_symmetry.space_group_name_H-M   'P 21 21 21'
#
loop_
_entity.id
_entity.type
_entity.pdbx_description
1 polymer 'HB transcription factor'
2 polymer 'Histone H3.2'
3 non-polymer 'ZINC ION'
4 water water
#
loop_
_entity_poly.entity_id
_entity_poly.type
_entity_poly.pdbx_seq_one_letter_code
_entity_poly.pdbx_strand_id
1 'polypeptide(L)'
;SGKNPVESVSVEFEAKSARDGAWYDVAAFLSHRLFESGDPEVRVRFSGFGAEEDEWINVRKCVRQRSLPCEATECVAVLP
GDLILCFQEGKDQALYYDAHVLDAQRRRHDVRGCRCRFLVRYDHDSSEEIVPLRKVCRRPETDYRLQILHAARAAATN
;
A,B
2 'polypeptide(L)' ARTKQTARMSTGGKAPRKQ P
#
# COMPACT_ATOMS: atom_id res chain seq x y z
N SER A 10 -9.64 14.15 -10.85
CA SER A 10 -8.55 14.03 -9.92
C SER A 10 -7.74 12.84 -10.35
N VAL A 11 -6.45 12.96 -10.18
CA VAL A 11 -5.53 11.85 -10.42
C VAL A 11 -5.77 10.71 -9.43
N GLU A 12 -5.78 9.47 -9.91
CA GLU A 12 -5.92 8.34 -9.06
C GLU A 12 -4.65 7.54 -8.94
N PHE A 13 -3.78 7.64 -9.94
CA PHE A 13 -2.61 6.76 -10.03
C PHE A 13 -1.31 7.51 -10.21
N GLU A 14 -0.22 6.89 -9.79
CA GLU A 14 1.10 7.40 -10.09
C GLU A 14 1.96 6.26 -10.66
N ALA A 15 3.01 6.64 -11.37
CA ALA A 15 3.87 5.68 -12.05
C ALA A 15 5.32 6.13 -11.98
N LYS A 16 6.21 5.14 -11.96
CA LYS A 16 7.65 5.39 -11.87
C LYS A 16 8.27 5.54 -13.25
N SER A 17 8.93 6.66 -13.48
CA SER A 17 9.58 6.91 -14.76
C SER A 17 10.94 6.23 -14.86
N ALA A 18 11.19 5.62 -16.01
CA ALA A 18 12.51 5.04 -16.28
C ALA A 18 13.59 6.11 -16.44
N ARG A 19 13.21 7.36 -16.69
CA ARG A 19 14.20 8.41 -16.91
C ARG A 19 15.02 8.63 -15.65
N ASP A 20 14.32 8.69 -14.52
CA ASP A 20 14.94 9.17 -13.30
C ASP A 20 14.60 8.35 -12.07
N GLY A 21 13.72 7.37 -12.23
CA GLY A 21 13.27 6.59 -11.08
C GLY A 21 12.33 7.33 -10.14
N ALA A 22 11.89 8.52 -10.51
CA ALA A 22 10.94 9.28 -9.71
C ALA A 22 9.51 8.89 -10.07
N TRP A 23 8.56 9.20 -9.20
CA TRP A 23 7.15 8.90 -9.44
C TRP A 23 6.40 10.15 -9.85
N TYR A 24 5.52 9.99 -10.84
CA TYR A 24 4.73 11.08 -11.38
C TYR A 24 3.26 10.68 -11.50
N ASP A 25 2.38 11.67 -11.35
CA ASP A 25 0.96 11.44 -11.57
C ASP A 25 0.65 10.97 -12.99
N VAL A 26 -0.30 10.05 -13.09
CA VAL A 26 -0.75 9.49 -14.36
C VAL A 26 -1.96 10.26 -14.87
N ALA A 27 -1.92 10.68 -16.12
CA ALA A 27 -3.08 11.33 -16.74
C ALA A 27 -3.97 10.28 -17.38
N ALA A 28 -3.37 9.29 -18.02
CA ALA A 28 -4.13 8.26 -18.70
C ALA A 28 -3.30 7.02 -18.96
N PHE A 29 -3.99 5.88 -18.95
CA PHE A 29 -3.43 4.63 -19.46
C PHE A 29 -3.89 4.48 -20.90
N LEU A 30 -2.96 4.42 -21.83
CA LEU A 30 -3.31 4.41 -23.25
C LEU A 30 -3.50 3.00 -23.81
N SER A 31 -2.73 2.05 -23.30
CA SER A 31 -2.67 0.70 -23.85
C SER A 31 -2.02 -0.23 -22.86
N HIS A 32 -2.16 -1.54 -23.03
CA HIS A 32 -1.35 -2.47 -22.23
C HIS A 32 -0.86 -3.64 -23.07
N ARG A 33 0.18 -4.31 -22.58
CA ARG A 33 0.80 -5.43 -23.28
C ARG A 33 1.39 -6.42 -22.29
N LEU A 34 1.78 -7.59 -22.78
CA LEU A 34 2.53 -8.60 -22.02
C LEU A 34 1.78 -9.22 -20.84
N PHE A 35 0.46 -9.11 -20.82
CA PHE A 35 -0.32 -9.77 -19.77
C PHE A 35 -0.08 -11.29 -19.73
N GLU A 36 0.06 -11.92 -20.89
CA GLU A 36 0.20 -13.36 -20.95
C GLU A 36 1.50 -13.84 -20.29
N SER A 37 2.43 -12.90 -20.14
CA SER A 37 3.72 -13.18 -19.52
C SER A 37 3.62 -13.24 -18.00
N GLY A 38 2.51 -12.76 -17.44
CA GLY A 38 2.37 -12.65 -16.00
C GLY A 38 2.96 -11.36 -15.46
N ASP A 39 3.60 -10.58 -16.34
CA ASP A 39 4.21 -9.32 -15.93
C ASP A 39 3.86 -8.21 -16.93
N PRO A 40 2.58 -7.80 -16.96
CA PRO A 40 2.11 -6.82 -17.93
C PRO A 40 2.73 -5.44 -17.80
N GLU A 41 2.72 -4.71 -18.91
CA GLU A 41 3.13 -3.32 -18.92
C GLU A 41 2.00 -2.47 -19.46
N VAL A 42 2.01 -1.19 -19.10
CA VAL A 42 0.96 -0.28 -19.52
C VAL A 42 1.62 0.99 -20.07
N ARG A 43 1.04 1.52 -21.13
CA ARG A 43 1.54 2.74 -21.76
C ARG A 43 0.94 3.92 -21.03
N VAL A 44 1.81 4.71 -20.42
CA VAL A 44 1.40 5.79 -19.54
C VAL A 44 1.66 7.14 -20.17
N ARG A 45 0.61 7.97 -20.12
CA ARG A 45 0.68 9.39 -20.41
C ARG A 45 0.70 10.09 -19.04
N PHE A 46 1.79 10.80 -18.76
CA PHE A 46 1.96 11.48 -17.47
C PHE A 46 1.27 12.83 -17.42
N SER A 47 0.70 13.15 -16.26
CA SER A 47 0.08 14.46 -16.04
C SER A 47 1.07 15.60 -16.30
N GLY A 48 0.65 16.58 -17.09
CA GLY A 48 1.47 17.75 -17.32
C GLY A 48 2.47 17.57 -18.42
N PHE A 49 2.61 16.33 -18.91
CA PHE A 49 3.49 16.04 -20.02
C PHE A 49 2.67 15.73 -21.24
N GLY A 50 3.33 15.39 -22.33
CA GLY A 50 2.65 15.05 -23.56
C GLY A 50 3.17 13.73 -24.08
N ALA A 51 2.87 13.45 -25.34
CA ALA A 51 3.18 12.16 -25.97
C ALA A 51 4.67 11.79 -25.94
N GLU A 52 5.54 12.79 -25.96
CA GLU A 52 6.99 12.53 -25.99
C GLU A 52 7.48 11.84 -24.73
N GLU A 53 6.78 12.07 -23.62
CA GLU A 53 7.19 11.54 -22.33
C GLU A 53 6.49 10.21 -22.00
N ASP A 54 5.66 9.71 -22.93
CA ASP A 54 4.94 8.45 -22.69
C ASP A 54 5.91 7.31 -22.47
N GLU A 55 5.56 6.39 -21.56
CA GLU A 55 6.46 5.23 -21.33
C GLU A 55 5.68 3.94 -21.20
N TRP A 56 6.31 2.83 -21.57
CA TRP A 56 5.82 1.52 -21.15
C TRP A 56 6.31 1.26 -19.73
N ILE A 57 5.38 0.98 -18.82
CA ILE A 57 5.70 0.88 -17.41
C ILE A 57 5.16 -0.41 -16.82
N ASN A 58 5.97 -1.07 -16.01
CA ASN A 58 5.58 -2.31 -15.35
C ASN A 58 4.36 -2.12 -14.44
N VAL A 59 3.30 -2.88 -14.70
CA VAL A 59 2.04 -2.68 -13.97
C VAL A 59 2.16 -3.07 -12.50
N ARG A 60 2.75 -4.24 -12.26
CA ARG A 60 2.79 -4.84 -10.92
C ARG A 60 3.56 -3.96 -9.94
N LYS A 61 4.71 -3.44 -10.37
CA LYS A 61 5.63 -2.75 -9.45
C LYS A 61 5.77 -1.24 -9.65
N CYS A 62 5.52 -0.73 -10.86
CA CYS A 62 5.85 0.66 -11.15
C CYS A 62 4.63 1.51 -11.48
N VAL A 63 3.45 0.98 -11.19
CA VAL A 63 2.22 1.76 -11.21
C VAL A 63 1.50 1.45 -9.90
N ARG A 64 0.88 2.45 -9.28
CA ARG A 64 0.16 2.20 -8.04
C ARG A 64 -0.86 3.30 -7.78
N GLN A 65 -1.79 3.04 -6.86
CA GLN A 65 -2.71 4.07 -6.40
C GLN A 65 -1.92 5.28 -5.87
N ARG A 66 -2.39 6.48 -6.20
CA ARG A 66 -1.63 7.69 -5.88
C ARG A 66 -1.32 7.82 -4.39
N SER A 67 -0.10 8.26 -4.08
CA SER A 67 0.26 8.57 -2.72
C SER A 67 -0.51 9.80 -2.24
N LEU A 68 -0.60 9.91 -0.91
CA LEU A 68 -1.49 10.88 -0.25
C LEU A 68 -0.68 11.95 0.48
N PRO A 69 -0.64 13.17 -0.05
CA PRO A 69 0.01 14.24 0.73
C PRO A 69 -0.59 14.30 2.15
N CYS A 70 0.27 14.29 3.16
CA CYS A 70 -0.18 14.24 4.55
C CYS A 70 -0.42 15.62 5.14
N GLU A 71 -1.49 15.75 5.93
CA GLU A 71 -1.74 16.99 6.66
C GLU A 71 -2.13 16.70 8.08
N ALA A 72 -1.85 17.66 8.96
CA ALA A 72 -2.34 17.68 10.33
C ALA A 72 -2.03 16.38 11.08
N THR A 73 -3.04 15.72 11.63
CA THR A 73 -2.72 14.57 12.49
C THR A 73 -2.66 13.27 11.72
N GLU A 74 -2.72 13.35 10.40
CA GLU A 74 -2.44 12.18 9.60
C GLU A 74 -1.00 11.70 9.83
N CYS A 75 -0.17 12.54 10.45
CA CYS A 75 1.20 12.15 10.76
C CYS A 75 1.25 10.91 11.64
N VAL A 76 0.16 10.60 12.36
CA VAL A 76 0.21 9.39 13.20
C VAL A 76 0.31 8.11 12.37
N ALA A 77 -0.05 8.21 11.09
CA ALA A 77 -0.01 7.05 10.19
C ALA A 77 1.35 6.89 9.52
N VAL A 78 2.29 7.77 9.85
CA VAL A 78 3.65 7.69 9.33
C VAL A 78 4.56 7.12 10.40
N LEU A 79 5.05 5.90 10.18
CA LEU A 79 5.79 5.18 11.22
C LEU A 79 7.13 4.71 10.69
N PRO A 80 8.12 4.62 11.58
CA PRO A 80 9.43 4.08 11.17
C PRO A 80 9.28 2.71 10.52
N GLY A 81 9.96 2.50 9.40
CA GLY A 81 9.85 1.28 8.63
C GLY A 81 9.02 1.47 7.36
N ASP A 82 8.17 2.49 7.34
CA ASP A 82 7.26 2.67 6.21
C ASP A 82 7.94 3.11 4.95
N LEU A 83 7.49 2.56 3.84
CA LEU A 83 7.67 3.22 2.55
C LEU A 83 6.78 4.44 2.47
N ILE A 84 7.34 5.58 2.06
CA ILE A 84 6.57 6.77 1.72
C ILE A 84 7.05 7.30 0.37
N LEU A 85 6.25 8.18 -0.23
CA LEU A 85 6.70 8.94 -1.39
C LEU A 85 7.12 10.28 -0.84
N CYS A 86 8.37 10.66 -1.05
CA CYS A 86 8.95 11.82 -0.39
C CYS A 86 9.55 12.80 -1.37
N PHE A 87 9.29 14.08 -1.15
CA PHE A 87 9.79 15.14 -2.05
C PHE A 87 11.26 15.44 -1.74
N GLN A 88 12.13 15.14 -2.69
CA GLN A 88 13.55 15.29 -2.52
C GLN A 88 13.93 16.57 -3.23
N GLU A 89 14.16 17.61 -2.43
CA GLU A 89 14.60 18.90 -2.92
C GLU A 89 16.11 18.95 -2.90
N GLY A 90 16.73 18.97 -4.07
CA GLY A 90 18.16 19.10 -4.17
C GLY A 90 18.58 20.47 -4.69
N LYS A 91 19.84 20.57 -5.12
CA LYS A 91 20.39 21.84 -5.59
C LYS A 91 19.67 22.38 -6.82
N ASP A 92 19.37 21.51 -7.78
CA ASP A 92 18.82 21.95 -9.06
C ASP A 92 17.55 21.23 -9.48
N GLN A 93 17.12 20.24 -8.69
CA GLN A 93 15.89 19.52 -8.99
C GLN A 93 15.14 19.20 -7.72
N ALA A 94 13.84 18.98 -7.87
CA ALA A 94 13.02 18.56 -6.75
C ALA A 94 11.97 17.60 -7.27
N LEU A 95 12.09 16.33 -6.89
CA LEU A 95 11.20 15.28 -7.42
C LEU A 95 10.72 14.37 -6.32
N TYR A 96 9.63 13.64 -6.57
CA TYR A 96 9.12 12.66 -5.62
C TYR A 96 9.74 11.28 -5.82
N TYR A 97 10.30 10.73 -4.75
CA TYR A 97 11.00 9.44 -4.76
C TYR A 97 10.53 8.57 -3.61
N ASP A 98 10.53 7.26 -3.83
CA ASP A 98 10.33 6.32 -2.72
C ASP A 98 11.41 6.52 -1.67
N ALA A 99 10.99 6.53 -0.40
CA ALA A 99 11.92 6.58 0.72
C ALA A 99 11.38 5.71 1.83
N HIS A 100 12.23 5.33 2.76
CA HIS A 100 11.77 4.65 3.96
C HIS A 100 12.00 5.51 5.17
N VAL A 101 11.02 5.51 6.08
CA VAL A 101 11.14 6.28 7.31
C VAL A 101 12.05 5.55 8.29
N LEU A 102 13.11 6.23 8.72
CA LEU A 102 14.02 5.68 9.73
C LEU A 102 13.60 6.04 11.15
N ASP A 103 13.04 7.23 11.31
CA ASP A 103 12.66 7.73 12.62
C ASP A 103 11.57 8.79 12.50
N ALA A 104 10.65 8.79 13.45
CA ALA A 104 9.62 9.80 13.54
C ALA A 104 9.75 10.54 14.85
N GLN A 105 10.15 11.80 14.78
CA GLN A 105 10.29 12.63 15.95
C GLN A 105 9.01 13.40 16.16
N ARG A 106 8.22 12.99 17.15
CA ARG A 106 6.93 13.61 17.39
C ARG A 106 7.13 14.94 18.08
N ARG A 107 6.42 15.96 17.61
CA ARG A 107 6.52 17.30 18.18
C ARG A 107 5.14 17.91 18.33
N ARG A 108 5.03 18.85 19.24
CA ARG A 108 3.80 19.61 19.48
C ARG A 108 3.25 20.21 18.18
N HIS A 109 1.98 19.93 17.88
CA HIS A 109 1.33 20.61 16.75
C HIS A 109 0.90 22.04 17.11
N ASP A 110 0.69 22.87 16.09
CA ASP A 110 0.36 24.26 16.33
C ASP A 110 -0.69 24.74 15.33
N VAL A 111 -0.82 26.05 15.18
CA VAL A 111 -1.87 26.61 14.34
C VAL A 111 -1.68 26.23 12.86
N ARG A 112 -0.46 25.84 12.49
CA ARG A 112 -0.20 25.41 11.10
C ARG A 112 -0.16 23.89 10.96
N GLY A 113 -0.54 23.16 12.01
CA GLY A 113 -0.60 21.72 11.92
C GLY A 113 0.61 21.01 12.47
N CYS A 114 1.08 20.02 11.72
CA CYS A 114 2.10 19.10 12.20
C CYS A 114 3.49 19.72 12.23
N ARG A 115 4.20 19.51 13.34
CA ARG A 115 5.60 19.90 13.48
C ARG A 115 6.54 18.69 13.60
N CYS A 116 6.00 17.50 13.44
CA CYS A 116 6.81 16.30 13.53
C CYS A 116 7.90 16.28 12.46
N ARG A 117 9.00 15.62 12.77
CA ARG A 117 10.12 15.53 11.83
C ARG A 117 10.47 14.10 11.54
N PHE A 118 10.71 13.81 10.27
CA PHE A 118 10.95 12.43 9.86
C PHE A 118 12.32 12.27 9.25
N LEU A 119 13.12 11.39 9.83
CA LEU A 119 14.39 11.04 9.20
C LEU A 119 14.08 9.98 8.17
N VAL A 120 14.42 10.21 6.91
CA VAL A 120 14.12 9.28 5.83
C VAL A 120 15.39 8.91 5.07
N ARG A 121 15.33 7.75 4.42
CA ARG A 121 16.39 7.29 3.55
C ARG A 121 15.79 7.03 2.18
N TYR A 122 16.26 7.73 1.16
CA TYR A 122 15.73 7.53 -0.19
C TYR A 122 16.19 6.18 -0.76
N ASP A 123 15.28 5.47 -1.40
CA ASP A 123 15.58 4.09 -1.80
C ASP A 123 16.58 4.00 -2.95
N HIS A 124 16.64 5.03 -3.79
CA HIS A 124 17.44 4.96 -5.00
C HIS A 124 18.87 5.44 -4.83
N ASP A 125 19.13 6.32 -3.86
CA ASP A 125 20.50 6.85 -3.73
C ASP A 125 21.01 6.70 -2.29
N SER A 126 20.18 6.09 -1.44
CA SER A 126 20.49 5.83 -0.03
C SER A 126 20.83 7.08 0.77
N SER A 127 20.52 8.26 0.23
CA SER A 127 20.78 9.49 0.97
C SER A 127 19.74 9.64 2.08
N GLU A 128 20.12 10.38 3.11
CA GLU A 128 19.27 10.56 4.28
C GLU A 128 19.01 12.03 4.55
N GLU A 129 17.81 12.31 5.03
CA GLU A 129 17.35 13.69 5.22
C GLU A 129 16.28 13.75 6.30
N ILE A 130 16.25 14.83 7.07
CA ILE A 130 15.11 15.08 7.97
C ILE A 130 14.12 15.99 7.25
N VAL A 131 12.86 15.53 7.15
CA VAL A 131 11.84 16.27 6.40
C VAL A 131 10.62 16.54 7.26
N PRO A 132 9.92 17.65 6.95
CA PRO A 132 8.63 17.94 7.57
C PRO A 132 7.51 17.22 6.85
N LEU A 133 6.31 17.23 7.45
CA LEU A 133 5.20 16.51 6.87
C LEU A 133 4.83 16.97 5.46
N ARG A 134 5.11 18.24 5.14
CA ARG A 134 4.80 18.77 3.81
C ARG A 134 5.43 17.96 2.69
N LYS A 135 6.57 17.33 2.96
CA LYS A 135 7.28 16.58 1.93
C LYS A 135 6.84 15.11 1.86
N VAL A 136 5.98 14.69 2.78
CA VAL A 136 5.61 13.27 2.93
C VAL A 136 4.27 12.93 2.30
N CYS A 137 4.25 12.00 1.35
CA CYS A 137 3.00 11.44 0.86
C CYS A 137 2.93 9.98 1.32
N ARG A 138 1.86 9.60 2.00
CA ARG A 138 1.79 8.22 2.48
C ARG A 138 1.07 7.33 1.48
N ARG A 139 1.34 6.03 1.58
CA ARG A 139 0.63 5.05 0.77
C ARG A 139 -0.76 4.83 1.37
N PRO A 140 -1.78 4.66 0.52
CA PRO A 140 -3.13 4.42 1.03
C PRO A 140 -3.26 3.22 1.95
N GLU A 141 -2.41 2.21 1.81
CA GLU A 141 -2.51 1.05 2.68
C GLU A 141 -2.12 1.35 4.13
N THR A 142 -1.71 2.59 4.42
CA THR A 142 -1.51 2.99 5.82
C THR A 142 -2.72 3.73 6.43
N ASP A 143 -3.76 3.94 5.63
CA ASP A 143 -4.96 4.64 6.12
C ASP A 143 -5.55 4.01 7.38
N TYR A 144 -5.49 2.68 7.47
CA TYR A 144 -6.11 1.97 8.58
C TYR A 144 -5.57 2.48 9.93
N ARG A 145 -4.34 3.00 9.92
CA ARG A 145 -3.77 3.44 11.19
C ARG A 145 -4.49 4.63 11.77
N LEU A 146 -5.13 5.42 10.92
CA LEU A 146 -5.87 6.58 11.41
C LEU A 146 -7.02 6.10 12.30
N GLN A 147 -7.57 4.93 12.01
CA GLN A 147 -8.66 4.41 12.82
C GLN A 147 -8.12 3.91 14.15
N ILE A 148 -6.94 3.30 14.11
CA ILE A 148 -6.39 2.70 15.31
C ILE A 148 -5.94 3.76 16.28
N LEU A 149 -5.25 4.76 15.74
CA LEU A 149 -4.52 5.74 16.52
C LEU A 149 -5.30 7.05 16.69
N HIS A 150 -6.61 6.96 16.79
CA HIS A 150 -7.43 8.17 16.96
C HIS A 150 -7.05 8.94 18.24
N ALA A 151 -6.70 8.24 19.31
CA ALA A 151 -6.33 8.92 20.56
C ALA A 151 -5.01 9.68 20.41
N ALA A 152 -4.11 9.14 19.59
CA ALA A 152 -2.86 9.83 19.29
C ALA A 152 -3.12 11.07 18.45
N ARG A 153 -4.13 11.02 17.59
CA ARG A 153 -4.52 12.19 16.82
C ARG A 153 -5.07 13.26 17.76
N ALA A 154 -5.90 12.84 18.71
CA ALA A 154 -6.45 13.78 19.69
C ALA A 154 -5.34 14.43 20.52
N ALA A 155 -4.37 13.62 20.95
CA ALA A 155 -3.24 14.13 21.74
C ALA A 155 -2.48 15.23 20.99
N ALA A 156 -2.24 14.99 19.69
CA ALA A 156 -1.46 15.91 18.87
C ALA A 156 -2.18 17.24 18.65
N LYS B 3 -18.20 4.73 11.11
CA LYS B 3 -18.70 6.06 11.45
C LYS B 3 -18.65 7.00 10.25
N ASN B 4 -18.07 6.53 9.15
CA ASN B 4 -18.08 7.31 7.91
C ASN B 4 -19.45 7.20 7.22
N PRO B 5 -20.14 8.33 7.09
CA PRO B 5 -21.50 8.27 6.53
C PRO B 5 -21.54 8.07 5.02
N VAL B 6 -20.44 8.29 4.32
CA VAL B 6 -20.50 8.30 2.86
C VAL B 6 -19.88 7.04 2.25
N GLU B 7 -19.27 6.20 3.08
CA GLU B 7 -18.71 4.96 2.59
C GLU B 7 -19.83 4.09 2.02
N SER B 8 -19.59 3.48 0.86
CA SER B 8 -20.60 2.64 0.22
C SER B 8 -20.56 1.23 0.80
N VAL B 9 -19.40 0.83 1.29
CA VAL B 9 -19.29 -0.43 2.03
C VAL B 9 -18.42 -0.19 3.25
N SER B 10 -18.59 -1.02 4.27
CA SER B 10 -17.79 -0.88 5.48
C SER B 10 -16.31 -1.11 5.19
N VAL B 11 -15.45 -0.28 5.74
CA VAL B 11 -14.02 -0.54 5.64
C VAL B 11 -13.65 -1.45 6.80
N GLU B 12 -13.10 -2.61 6.47
CA GLU B 12 -12.83 -3.65 7.43
C GLU B 12 -11.32 -3.89 7.57
N PHE B 13 -10.93 -4.52 8.67
CA PHE B 13 -9.53 -4.75 8.99
C PHE B 13 -9.30 -6.19 9.34
N GLU B 14 -8.06 -6.64 9.13
CA GLU B 14 -7.69 -7.98 9.56
C GLU B 14 -6.39 -7.87 10.34
N ALA B 15 -6.19 -8.81 11.26
CA ALA B 15 -5.02 -8.84 12.12
C ALA B 15 -4.44 -10.24 12.20
N LYS B 16 -3.12 -10.31 12.36
CA LYS B 16 -2.42 -11.58 12.40
C LYS B 16 -2.31 -12.03 13.84
N SER B 17 -2.83 -13.23 14.13
CA SER B 17 -2.79 -13.75 15.50
C SER B 17 -1.40 -14.30 15.81
N ALA B 18 -0.92 -14.02 17.02
CA ALA B 18 0.36 -14.56 17.46
C ALA B 18 0.25 -16.04 17.73
N ARG B 19 -0.98 -16.53 17.84
CA ARG B 19 -1.14 -17.92 18.20
C ARG B 19 -0.82 -18.84 17.03
N ASP B 20 -1.24 -18.47 15.83
CA ASP B 20 -1.01 -19.33 14.68
C ASP B 20 -0.39 -18.66 13.46
N GLY B 21 -0.22 -17.34 13.52
CA GLY B 21 0.30 -16.60 12.38
C GLY B 21 -0.70 -16.44 11.24
N ALA B 22 -1.95 -16.78 11.48
CA ALA B 22 -3.02 -16.64 10.49
C ALA B 22 -3.74 -15.30 10.68
N TRP B 23 -4.50 -14.90 9.67
CA TRP B 23 -5.19 -13.60 9.72
C TRP B 23 -6.68 -13.73 9.98
N TYR B 24 -7.19 -12.79 10.78
CA TYR B 24 -8.56 -12.81 11.25
C TYR B 24 -9.23 -11.45 11.15
N ASP B 25 -10.51 -11.43 10.82
CA ASP B 25 -11.27 -10.19 10.77
C ASP B 25 -11.31 -9.53 12.15
N VAL B 26 -11.14 -8.23 12.17
CA VAL B 26 -11.19 -7.42 13.39
C VAL B 26 -12.58 -6.88 13.68
N ALA B 27 -13.08 -7.14 14.89
CA ALA B 27 -14.34 -6.57 15.33
C ALA B 27 -14.17 -5.16 15.91
N ALA B 28 -13.12 -4.97 16.70
CA ALA B 28 -12.88 -3.69 17.35
C ALA B 28 -11.44 -3.53 17.75
N PHE B 29 -10.97 -2.29 17.74
CA PHE B 29 -9.70 -1.90 18.34
C PHE B 29 -10.01 -1.32 19.72
N LEU B 30 -9.47 -1.92 20.78
CA LEU B 30 -9.89 -1.58 22.15
C LEU B 30 -9.02 -0.58 22.89
N SER B 31 -7.76 -0.50 22.51
CA SER B 31 -6.74 0.24 23.26
C SER B 31 -5.50 0.21 22.41
N HIS B 32 -4.61 1.18 22.57
CA HIS B 32 -3.29 1.01 21.99
C HIS B 32 -2.21 1.46 22.96
N ARG B 33 -0.98 1.10 22.63
CA ARG B 33 0.16 1.46 23.45
C ARG B 33 1.39 1.60 22.56
N LEU B 34 2.41 2.26 23.11
CA LEU B 34 3.73 2.37 22.50
C LEU B 34 3.77 3.18 21.22
N PHE B 35 2.84 4.11 21.05
CA PHE B 35 2.88 4.96 19.85
C PHE B 35 4.17 5.79 19.73
N GLU B 36 4.59 6.38 20.84
CA GLU B 36 5.71 7.30 20.80
C GLU B 36 7.02 6.58 20.44
N SER B 37 7.09 5.28 20.75
CA SER B 37 8.22 4.45 20.36
C SER B 37 8.37 4.31 18.85
N GLY B 38 7.29 4.56 18.13
CA GLY B 38 7.29 4.40 16.68
C GLY B 38 6.80 3.04 16.23
N ASP B 39 6.56 2.15 17.19
CA ASP B 39 6.14 0.79 16.90
C ASP B 39 4.94 0.41 17.78
N PRO B 40 3.81 1.10 17.59
CA PRO B 40 2.65 0.88 18.46
C PRO B 40 2.02 -0.50 18.34
N GLU B 41 1.33 -0.91 19.41
CA GLU B 41 0.53 -2.13 19.42
C GLU B 41 -0.89 -1.78 19.74
N VAL B 42 -1.82 -2.60 19.27
CA VAL B 42 -3.23 -2.33 19.50
C VAL B 42 -3.87 -3.59 20.08
N ARG B 43 -4.80 -3.39 20.98
CA ARG B 43 -5.53 -4.51 21.58
C ARG B 43 -6.72 -4.81 20.69
N VAL B 44 -6.74 -6.02 20.13
CA VAL B 44 -7.72 -6.41 19.13
C VAL B 44 -8.73 -7.41 19.68
N ARG B 45 -10.00 -7.10 19.42
CA ARG B 45 -11.11 -8.02 19.55
C ARG B 45 -11.40 -8.61 18.19
N PHE B 46 -11.31 -9.94 18.07
CA PHE B 46 -11.52 -10.61 16.79
C PHE B 46 -12.99 -10.89 16.54
N SER B 47 -13.45 -10.65 15.31
CA SER B 47 -14.82 -11.02 14.93
C SER B 47 -15.09 -12.50 15.17
N GLY B 48 -16.20 -12.81 15.82
CA GLY B 48 -16.56 -14.19 16.10
C GLY B 48 -15.96 -14.76 17.37
N PHE B 49 -15.19 -13.95 18.07
CA PHE B 49 -14.53 -14.36 19.32
C PHE B 49 -14.90 -13.41 20.44
N GLY B 50 -14.36 -13.65 21.63
CA GLY B 50 -14.66 -12.79 22.75
C GLY B 50 -13.41 -12.23 23.39
N ALA B 51 -13.58 -11.58 24.53
CA ALA B 51 -12.48 -10.96 25.24
C ALA B 51 -11.37 -11.95 25.58
N GLU B 52 -11.76 -13.20 25.77
CA GLU B 52 -10.82 -14.24 26.15
C GLU B 52 -9.76 -14.47 25.07
N GLU B 53 -10.08 -14.10 23.84
CA GLU B 53 -9.16 -14.28 22.72
C GLU B 53 -8.47 -12.97 22.28
N ASP B 54 -8.71 -11.87 23.00
CA ASP B 54 -8.09 -10.61 22.63
C ASP B 54 -6.58 -10.71 22.62
N GLU B 55 -5.95 -9.96 21.72
CA GLU B 55 -4.48 -9.94 21.67
C GLU B 55 -3.92 -8.55 21.50
N TRP B 56 -2.70 -8.33 22.00
CA TRP B 56 -1.91 -7.17 21.61
C TRP B 56 -1.23 -7.50 20.29
N ILE B 57 -1.41 -6.62 19.32
CA ILE B 57 -0.96 -6.88 17.96
C ILE B 57 -0.20 -5.70 17.41
N ASN B 58 0.92 -5.97 16.74
CA ASN B 58 1.73 -4.92 16.15
C ASN B 58 0.96 -4.17 15.06
N VAL B 59 0.85 -2.86 15.22
CA VAL B 59 0.05 -2.05 14.30
C VAL B 59 0.64 -2.01 12.89
N ARG B 60 1.95 -1.77 12.80
CA ARG B 60 2.61 -1.55 11.52
C ARG B 60 2.58 -2.81 10.64
N LYS B 61 2.87 -3.96 11.24
CA LYS B 61 3.06 -5.20 10.46
C LYS B 61 1.89 -6.17 10.51
N CYS B 62 1.14 -6.16 11.60
CA CYS B 62 0.21 -7.25 11.83
C CYS B 62 -1.25 -6.84 11.88
N VAL B 63 -1.52 -5.61 11.45
CA VAL B 63 -2.89 -5.17 11.20
C VAL B 63 -2.88 -4.51 9.83
N ARG B 64 -3.94 -4.71 9.05
CA ARG B 64 -4.04 -4.07 7.73
C ARG B 64 -5.49 -4.04 7.27
N GLN B 65 -5.76 -3.26 6.22
CA GLN B 65 -7.11 -3.27 5.67
C GLN B 65 -7.43 -4.67 5.13
N ARG B 66 -8.68 -5.09 5.29
CA ARG B 66 -9.05 -6.47 5.00
C ARG B 66 -8.82 -6.89 3.54
N SER B 67 -8.32 -8.11 3.37
CA SER B 67 -8.15 -8.68 2.04
C SER B 67 -9.53 -8.95 1.43
N LEU B 68 -9.60 -8.81 0.11
CA LEU B 68 -10.85 -8.90 -0.62
C LEU B 68 -11.00 -10.23 -1.38
N PRO B 69 -12.11 -10.96 -1.15
CA PRO B 69 -12.37 -12.06 -2.09
C PRO B 69 -12.50 -11.55 -3.51
N CYS B 70 -12.18 -12.40 -4.49
CA CYS B 70 -12.19 -11.96 -5.87
C CYS B 70 -13.40 -12.45 -6.64
N GLU B 71 -14.06 -11.52 -7.32
CA GLU B 71 -15.06 -11.86 -8.33
C GLU B 71 -14.32 -12.35 -9.56
N ALA B 72 -14.98 -13.15 -10.38
CA ALA B 72 -14.37 -13.79 -11.53
C ALA B 72 -13.55 -12.84 -12.38
N THR B 73 -14.06 -11.63 -12.60
CA THR B 73 -13.40 -10.66 -13.47
C THR B 73 -12.08 -10.16 -12.88
N GLU B 74 -11.91 -10.31 -11.57
CA GLU B 74 -10.80 -9.66 -10.88
C GLU B 74 -9.51 -10.47 -10.84
N CYS B 75 -9.50 -11.65 -11.47
CA CYS B 75 -8.29 -12.46 -11.46
C CYS B 75 -7.12 -11.79 -12.18
N VAL B 76 -7.43 -10.82 -13.04
CA VAL B 76 -6.38 -10.10 -13.76
C VAL B 76 -5.53 -9.28 -12.80
N ALA B 77 -6.04 -9.04 -11.59
CA ALA B 77 -5.30 -8.28 -10.60
C ALA B 77 -4.41 -9.16 -9.71
N VAL B 78 -4.40 -10.46 -9.98
CA VAL B 78 -3.55 -11.41 -9.26
C VAL B 78 -2.39 -11.81 -10.16
N LEU B 79 -1.19 -11.36 -9.80
CA LEU B 79 -0.03 -11.53 -10.66
C LEU B 79 1.09 -12.25 -9.93
N PRO B 80 1.88 -13.05 -10.65
CA PRO B 80 3.07 -13.65 -10.03
C PRO B 80 3.95 -12.61 -9.34
N GLY B 81 4.39 -12.94 -8.12
CA GLY B 81 5.15 -12.01 -7.30
C GLY B 81 4.34 -11.41 -6.16
N ASP B 82 3.01 -11.39 -6.31
CA ASP B 82 2.14 -10.75 -5.33
C ASP B 82 2.06 -11.48 -4.01
N LEU B 83 2.01 -10.69 -2.93
CA LEU B 83 1.46 -11.14 -1.67
C LEU B 83 -0.06 -11.22 -1.80
N ILE B 84 -0.62 -12.36 -1.40
CA ILE B 84 -2.07 -12.53 -1.26
C ILE B 84 -2.39 -13.14 0.11
N LEU B 85 -3.67 -13.08 0.47
CA LEU B 85 -4.16 -13.86 1.60
C LEU B 85 -4.83 -15.08 1.04
N CYS B 86 -4.37 -16.26 1.41
CA CYS B 86 -4.82 -17.49 0.79
C CYS B 86 -5.46 -18.42 1.81
N PHE B 87 -6.61 -18.96 1.43
CA PHE B 87 -7.32 -19.91 2.26
C PHE B 87 -6.65 -21.27 2.19
N GLN B 88 -6.06 -21.68 3.31
CA GLN B 88 -5.40 -22.96 3.42
C GLN B 88 -6.37 -23.95 4.06
N GLU B 89 -6.89 -24.85 3.23
CA GLU B 89 -7.89 -25.81 3.64
C GLU B 89 -7.23 -27.02 4.28
N ALA B 94 -8.19 -24.94 7.53
CA ALA B 94 -9.18 -23.90 7.26
C ALA B 94 -8.75 -22.58 7.88
N LEU B 95 -7.61 -22.07 7.47
CA LEU B 95 -7.10 -20.79 7.99
C LEU B 95 -6.61 -19.91 6.85
N TYR B 96 -6.61 -18.59 7.06
CA TYR B 96 -6.13 -17.66 6.04
C TYR B 96 -4.70 -17.24 6.33
N TYR B 97 -3.80 -17.51 5.39
CA TYR B 97 -2.36 -17.25 5.57
C TYR B 97 -1.80 -16.40 4.44
N ASP B 98 -0.83 -15.57 4.75
CA ASP B 98 -0.06 -14.88 3.71
C ASP B 98 0.62 -15.88 2.79
N ALA B 99 0.52 -15.63 1.49
CA ALA B 99 1.24 -16.46 0.52
C ALA B 99 1.71 -15.58 -0.61
N HIS B 100 2.70 -16.04 -1.36
CA HIS B 100 3.10 -15.32 -2.54
C HIS B 100 2.79 -16.13 -3.78
N VAL B 101 2.35 -15.44 -4.81
CA VAL B 101 2.02 -16.10 -6.07
C VAL B 101 3.31 -16.41 -6.83
N LEU B 102 3.59 -17.69 -7.01
CA LEU B 102 4.74 -18.12 -7.81
C LEU B 102 4.45 -18.08 -9.30
N ASP B 103 3.23 -18.46 -9.68
CA ASP B 103 2.88 -18.54 -11.09
C ASP B 103 1.38 -18.52 -11.20
N ALA B 104 0.92 -18.10 -12.37
CA ALA B 104 -0.50 -18.09 -12.68
C ALA B 104 -0.69 -18.70 -14.04
N GLN B 105 -1.62 -19.65 -14.14
CA GLN B 105 -1.99 -20.16 -15.45
C GLN B 105 -3.36 -19.63 -15.80
N ARG B 106 -3.40 -18.83 -16.85
CA ARG B 106 -4.65 -18.24 -17.31
C ARG B 106 -5.42 -19.29 -18.11
N ARG B 107 -6.63 -19.59 -17.68
CA ARG B 107 -7.49 -20.47 -18.44
C ARG B 107 -8.80 -19.76 -18.73
N ARG B 108 -9.32 -19.97 -19.94
CA ARG B 108 -10.55 -19.34 -20.38
C ARG B 108 -11.67 -19.54 -19.36
N HIS B 109 -12.30 -18.44 -18.93
CA HIS B 109 -13.41 -18.51 -17.98
C HIS B 109 -14.66 -19.18 -18.56
N ASP B 110 -15.46 -19.79 -17.70
CA ASP B 110 -16.78 -20.27 -18.13
C ASP B 110 -17.84 -19.49 -17.35
N VAL B 111 -19.11 -19.87 -17.46
CA VAL B 111 -20.14 -19.08 -16.83
C VAL B 111 -20.15 -19.25 -15.31
N ARG B 112 -19.46 -20.27 -14.80
CA ARG B 112 -19.31 -20.43 -13.36
C ARG B 112 -18.23 -19.52 -12.79
N GLY B 113 -17.37 -19.00 -13.67
CA GLY B 113 -16.41 -17.99 -13.27
C GLY B 113 -14.99 -18.25 -13.75
N CYS B 114 -14.04 -17.75 -12.96
CA CYS B 114 -12.62 -17.86 -13.26
C CYS B 114 -12.14 -19.30 -13.17
N ARG B 115 -11.40 -19.74 -14.18
CA ARG B 115 -10.84 -21.09 -14.19
C ARG B 115 -9.31 -21.06 -14.10
N CYS B 116 -8.77 -19.87 -13.81
CA CYS B 116 -7.32 -19.72 -13.70
C CYS B 116 -6.80 -20.54 -12.53
N ARG B 117 -5.54 -20.93 -12.59
CA ARG B 117 -4.90 -21.69 -11.51
C ARG B 117 -3.71 -20.91 -11.00
N PHE B 118 -3.56 -20.85 -9.68
CA PHE B 118 -2.47 -20.09 -9.07
C PHE B 118 -1.58 -20.99 -8.23
N LEU B 119 -0.31 -21.04 -8.57
CA LEU B 119 0.68 -21.73 -7.76
C LEU B 119 1.16 -20.74 -6.71
N VAL B 120 0.97 -21.08 -5.44
CA VAL B 120 1.33 -20.20 -4.34
C VAL B 120 2.27 -20.87 -3.36
N ARG B 121 3.02 -20.03 -2.65
CA ARG B 121 3.90 -20.49 -1.60
C ARG B 121 3.53 -19.77 -0.32
N TYR B 122 3.15 -20.52 0.71
CA TYR B 122 2.78 -19.89 1.97
C TYR B 122 4.01 -19.35 2.68
N ASP B 123 3.92 -18.12 3.18
CA ASP B 123 5.09 -17.48 3.77
C ASP B 123 5.58 -18.16 5.04
N HIS B 124 4.66 -18.71 5.84
CA HIS B 124 5.04 -19.18 7.16
C HIS B 124 5.74 -20.54 7.17
N ASP B 125 5.46 -21.41 6.21
CA ASP B 125 6.15 -22.71 6.17
C ASP B 125 6.74 -23.06 4.80
N SER B 126 6.66 -22.13 3.85
CA SER B 126 7.16 -22.34 2.48
C SER B 126 6.52 -23.51 1.75
N SER B 127 5.36 -23.97 2.23
CA SER B 127 4.64 -25.02 1.55
C SER B 127 3.98 -24.44 0.31
N GLU B 128 3.78 -25.26 -0.71
CA GLU B 128 3.22 -24.80 -1.97
C GLU B 128 1.90 -25.48 -2.29
N GLU B 129 1.04 -24.75 -2.99
CA GLU B 129 -0.29 -25.27 -3.30
C GLU B 129 -0.76 -24.66 -4.62
N ILE B 130 -1.51 -25.42 -5.42
CA ILE B 130 -2.20 -24.87 -6.58
C ILE B 130 -3.65 -24.59 -6.18
N VAL B 131 -4.05 -23.33 -6.25
CA VAL B 131 -5.37 -22.92 -5.78
C VAL B 131 -6.20 -22.25 -6.88
N PRO B 132 -7.53 -22.34 -6.77
CA PRO B 132 -8.45 -21.58 -7.62
C PRO B 132 -8.65 -20.19 -7.07
N LEU B 133 -9.21 -19.30 -7.87
CA LEU B 133 -9.47 -17.93 -7.44
C LEU B 133 -10.29 -17.84 -6.14
N ARG B 134 -11.21 -18.78 -5.93
CA ARG B 134 -12.10 -18.69 -4.78
C ARG B 134 -11.34 -18.79 -3.44
N LYS B 135 -10.09 -19.24 -3.47
CA LYS B 135 -9.26 -19.28 -2.26
C LYS B 135 -8.35 -18.07 -2.10
N VAL B 136 -8.37 -17.18 -3.10
CA VAL B 136 -7.47 -16.04 -3.13
C VAL B 136 -8.16 -14.76 -2.69
N CYS B 137 -7.59 -14.08 -1.70
CA CYS B 137 -8.05 -12.76 -1.30
C CYS B 137 -6.96 -11.77 -1.59
N ARG B 138 -7.28 -10.75 -2.38
CA ARG B 138 -6.31 -9.75 -2.81
C ARG B 138 -6.11 -8.65 -1.79
N ARG B 139 -4.91 -8.08 -1.81
CA ARG B 139 -4.68 -6.85 -1.06
C ARG B 139 -5.31 -5.68 -1.81
N PRO B 140 -5.99 -4.77 -1.09
CA PRO B 140 -6.66 -3.66 -1.76
C PRO B 140 -5.72 -2.78 -2.58
N GLU B 141 -4.43 -2.76 -2.25
CA GLU B 141 -3.43 -2.03 -3.03
C GLU B 141 -3.28 -2.54 -4.46
N THR B 142 -3.91 -3.66 -4.79
CA THR B 142 -3.86 -4.14 -6.17
C THR B 142 -5.08 -3.72 -6.99
N ASP B 143 -6.02 -3.01 -6.36
CA ASP B 143 -7.27 -2.62 -7.05
C ASP B 143 -7.02 -1.79 -8.31
N TYR B 144 -5.96 -0.99 -8.32
CA TYR B 144 -5.67 -0.12 -9.45
C TYR B 144 -5.53 -0.94 -10.73
N ARG B 145 -5.15 -2.22 -10.60
CA ARG B 145 -4.90 -3.03 -11.78
C ARG B 145 -6.17 -3.31 -12.56
N LEU B 146 -7.30 -3.27 -11.86
CA LEU B 146 -8.58 -3.45 -12.53
C LEU B 146 -8.89 -2.29 -13.47
N GLN B 147 -8.28 -1.12 -13.24
CA GLN B 147 -8.46 0.02 -14.14
C GLN B 147 -7.54 -0.05 -15.36
N ILE B 148 -6.69 -1.07 -15.41
CA ILE B 148 -5.75 -1.23 -16.51
C ILE B 148 -6.07 -2.44 -17.36
N LEU B 149 -6.26 -3.57 -16.68
CA LEU B 149 -6.43 -4.84 -17.35
C LEU B 149 -7.91 -5.21 -17.42
N ALA C 1 -8.26 15.04 -5.05
CA ALA C 1 -6.97 14.70 -4.45
C ALA C 1 -6.17 15.96 -4.14
N ARG C 2 -5.36 15.91 -3.09
CA ARG C 2 -4.55 17.05 -2.70
C ARG C 2 -3.40 17.26 -3.67
N THR C 3 -2.97 18.51 -3.83
CA THR C 3 -1.90 18.80 -4.75
C THR C 3 -0.56 18.42 -4.11
N LYS C 4 0.26 17.78 -4.93
CA LYS C 4 1.65 17.56 -4.60
C LYS C 4 2.45 18.84 -4.84
N GLN C 5 3.65 18.92 -4.29
CA GLN C 5 4.55 20.02 -4.59
C GLN C 5 4.96 19.96 -6.05
N THR C 6 5.07 21.11 -6.71
CA THR C 6 5.47 21.13 -8.11
C THR C 6 6.88 20.61 -8.31
N ALA C 7 7.05 19.67 -9.24
CA ALA C 7 8.37 19.15 -9.54
C ALA C 7 9.24 20.20 -10.22
N ARG C 8 10.53 20.21 -9.89
CA ARG C 8 11.50 21.07 -10.56
C ARG C 8 12.50 20.13 -11.22
N MET C 9 12.69 20.27 -12.53
CA MET C 9 13.52 19.33 -13.26
C MET C 9 14.82 19.95 -13.72
N SER C 10 15.83 19.10 -13.93
CA SER C 10 17.12 19.56 -14.44
C SER C 10 17.76 18.46 -15.27
N THR C 11 18.71 18.86 -16.12
CA THR C 11 19.36 17.92 -17.02
C THR C 11 20.48 17.14 -16.38
N GLY C 12 20.98 17.63 -15.24
CA GLY C 12 22.21 17.10 -14.68
C GLY C 12 23.38 17.55 -15.54
N GLY C 13 24.54 16.92 -15.37
CA GLY C 13 25.70 17.22 -16.19
C GLY C 13 26.74 18.12 -15.56
N LYS C 14 26.54 18.48 -14.29
CA LYS C 14 27.47 19.39 -13.62
C LYS C 14 28.68 18.65 -13.05
#